data_9EDY
#
_entry.id   9EDY
#
_cell.length_a   91.488
_cell.length_b   91.488
_cell.length_c   119.170
_cell.angle_alpha   90.000
_cell.angle_beta   90.000
_cell.angle_gamma   120.000
#
_symmetry.space_group_name_H-M   'H 3'
#
loop_
_entity.id
_entity.type
_entity.pdbx_description
1 polymer 'non-specific serine/threonine protein kinase'
2 non-polymer 6-fluoro-2-(4-fluorophenyl)-3-(pyridin-4-yl)pyrazolo[1,5-a]pyridine
3 non-polymer 'CHLORIDE ION'
4 water water
#
_entity_poly.entity_id   1
_entity_poly.type   'polypeptide(L)'
_entity_poly.pdbx_seq_one_letter_code
;NNSSVVGLHYKIGKKIGEGSFGVIFEGTNIINGVPVAIKFEPRKTEAPQLRDEYRTYKHLQGCDGIPNAYYFGQEGLHNI
LVIDLLGPSLEDLFDWCGRRFSVKTVVQVAIQMLTLVEEVHRHDLIYRDIKPDNFLIGRRGATDENNVHLIDFGMAKQYR
DPRTKQHIPYREKKSLSGTARYMSINTHLGREQSRRDDLEALGHVFFYFLRGQLPWQGLKAPTNKQKYEKIGDKKRTTPA
VTLCDGLPQQFAEYLDSVRSLPFDAEPPYEEYRMLLLSVLDDLGQACDGDMDWMHLNGGRGWDATINKKPN
;
_entity_poly.pdbx_strand_id   A
#
# COMPACT_ATOMS: atom_id res chain seq x y z
N ASN A 1 -13.14 10.09 -32.39
CA ASN A 1 -12.92 10.90 -31.20
C ASN A 1 -11.44 11.27 -31.07
N ASN A 2 -10.89 11.93 -32.08
CA ASN A 2 -9.51 12.35 -32.03
C ASN A 2 -9.31 13.37 -30.91
N SER A 3 -8.15 13.29 -30.25
CA SER A 3 -7.85 14.10 -29.06
C SER A 3 -8.92 13.87 -27.99
N SER A 4 -8.92 12.65 -27.47
CA SER A 4 -9.92 12.22 -26.50
C SER A 4 -9.70 12.95 -25.18
N VAL A 5 -10.71 13.70 -24.74
CA VAL A 5 -10.68 14.42 -23.47
C VAL A 5 -11.86 13.92 -22.63
N VAL A 6 -11.55 13.29 -21.51
CA VAL A 6 -12.57 12.82 -20.58
C VAL A 6 -12.63 13.77 -19.39
N GLY A 7 -13.78 13.81 -18.74
CA GLY A 7 -13.95 14.65 -17.57
C GLY A 7 -13.86 16.14 -17.85
N LEU A 8 -14.11 16.56 -19.09
CA LEU A 8 -14.10 17.96 -19.51
C LEU A 8 -12.70 18.55 -19.59
N HIS A 9 -11.85 18.24 -18.62
CA HIS A 9 -10.58 18.94 -18.44
C HIS A 9 -9.37 18.02 -18.51
N TYR A 10 -9.53 16.77 -18.90
CA TYR A 10 -8.45 15.79 -18.74
C TYR A 10 -8.17 15.10 -20.06
N LYS A 11 -6.97 15.31 -20.58
CA LYS A 11 -6.53 14.79 -21.87
C LYS A 11 -5.92 13.41 -21.69
N ILE A 12 -6.50 12.41 -22.35
CA ILE A 12 -5.99 11.05 -22.28
C ILE A 12 -4.62 10.99 -22.94
N GLY A 13 -3.67 10.33 -22.27
CA GLY A 13 -2.31 10.29 -22.76
C GLY A 13 -1.73 8.90 -22.97
N LYS A 14 -0.93 8.44 -22.00
CA LYS A 14 -0.14 7.23 -22.14
C LYS A 14 -0.66 6.13 -21.22
N LYS A 15 -0.83 4.93 -21.76
CA LYS A 15 -1.32 3.81 -20.97
C LYS A 15 -0.24 3.32 -20.01
N ILE A 16 -0.61 3.14 -18.74
CA ILE A 16 0.33 2.68 -17.72
C ILE A 16 -0.33 1.63 -16.84
N GLY A 17 -1.52 1.17 -17.24
CA GLY A 17 -2.32 0.31 -16.42
C GLY A 17 -2.25 -1.17 -16.79
N GLU A 18 -3.06 -1.95 -16.09
CA GLU A 18 -3.16 -3.39 -16.28
C GLU A 18 -4.53 -3.75 -16.87
N GLY A 19 -4.79 -5.04 -16.98
CA GLY A 19 -6.03 -5.51 -17.57
C GLY A 19 -6.99 -6.10 -16.56
N SER A 20 -6.57 -6.21 -15.30
CA SER A 20 -7.39 -6.80 -14.26
C SER A 20 -8.14 -5.76 -13.44
N PHE A 21 -7.44 -4.73 -12.96
CA PHE A 21 -8.04 -3.70 -12.12
C PHE A 21 -8.42 -2.46 -12.92
N GLY A 22 -8.85 -2.64 -14.17
CA GLY A 22 -9.16 -1.51 -15.03
C GLY A 22 -7.92 -0.86 -15.59
N VAL A 23 -7.97 -0.41 -16.85
CA VAL A 23 -6.81 0.18 -17.48
C VAL A 23 -6.59 1.58 -16.93
N ILE A 24 -5.33 1.90 -16.65
CA ILE A 24 -4.93 3.19 -16.09
C ILE A 24 -4.13 3.95 -17.12
N PHE A 25 -4.35 5.26 -17.21
CA PHE A 25 -3.70 6.11 -18.18
C PHE A 25 -3.07 7.31 -17.50
N GLU A 26 -2.06 7.87 -18.16
CA GLU A 26 -1.57 9.20 -17.82
C GLU A 26 -2.50 10.24 -18.43
N GLY A 27 -2.52 11.42 -17.82
CA GLY A 27 -3.39 12.48 -18.29
C GLY A 27 -2.80 13.83 -17.98
N THR A 28 -3.39 14.85 -18.61
CA THR A 28 -2.98 16.23 -18.43
C THR A 28 -4.23 17.10 -18.33
N ASN A 29 -4.34 17.84 -17.23
CA ASN A 29 -5.42 18.82 -17.12
C ASN A 29 -5.22 19.90 -18.18
N ILE A 30 -6.20 20.06 -19.07
CA ILE A 30 -6.06 20.99 -20.19
C ILE A 30 -6.26 22.43 -19.79
N ILE A 31 -6.50 22.72 -18.52
CA ILE A 31 -6.64 24.09 -18.03
C ILE A 31 -5.35 24.60 -17.43
N ASN A 32 -4.67 23.79 -16.61
CA ASN A 32 -3.47 24.21 -15.91
C ASN A 32 -2.26 23.34 -16.17
N GLY A 33 -2.42 22.21 -16.86
CA GLY A 33 -1.29 21.38 -17.22
C GLY A 33 -0.76 20.47 -16.14
N VAL A 34 -1.52 20.24 -15.08
CA VAL A 34 -1.08 19.33 -14.03
C VAL A 34 -1.31 17.90 -14.51
N PRO A 35 -0.38 16.99 -14.26
CA PRO A 35 -0.57 15.60 -14.67
C PRO A 35 -1.53 14.88 -13.75
N VAL A 36 -2.26 13.91 -14.32
CA VAL A 36 -3.24 13.13 -13.57
C VAL A 36 -3.13 11.67 -13.99
N ALA A 37 -3.69 10.81 -13.14
CA ALA A 37 -3.87 9.40 -13.45
C ALA A 37 -5.36 9.15 -13.64
N ILE A 38 -5.72 8.64 -14.82
CA ILE A 38 -7.12 8.42 -15.19
C ILE A 38 -7.37 6.92 -15.24
N LYS A 39 -8.29 6.44 -14.42
CA LYS A 39 -8.55 5.02 -14.27
C LYS A 39 -9.91 4.69 -14.87
N PHE A 40 -9.93 3.74 -15.81
CA PHE A 40 -11.14 3.30 -16.46
C PHE A 40 -11.69 2.04 -15.81
N GLU A 41 -13.00 1.84 -15.95
CA GLU A 41 -13.67 0.67 -15.43
C GLU A 41 -14.92 0.47 -16.27
N PRO A 42 -15.19 -0.76 -16.73
CA PRO A 42 -16.43 -1.01 -17.47
C PRO A 42 -17.66 -0.67 -16.64
N ARG A 43 -18.67 -0.10 -17.29
CA ARG A 43 -19.87 0.34 -16.60
C ARG A 43 -20.68 -0.86 -16.09
N LYS A 44 -21.29 -1.61 -17.00
CA LYS A 44 -22.08 -2.78 -16.64
C LYS A 44 -21.12 -3.94 -16.41
N THR A 45 -20.52 -3.95 -15.21
CA THR A 45 -19.50 -4.91 -14.84
C THR A 45 -19.99 -5.77 -13.68
N GLU A 46 -19.32 -6.91 -13.49
CA GLU A 46 -19.68 -7.82 -12.41
C GLU A 46 -19.20 -7.34 -11.05
N ALA A 47 -18.16 -6.50 -11.00
CA ALA A 47 -17.59 -6.00 -9.76
C ALA A 47 -17.50 -4.47 -9.82
N PRO A 48 -18.59 -3.78 -9.52
CA PRO A 48 -18.55 -2.30 -9.47
C PRO A 48 -17.78 -1.84 -8.23
N GLN A 49 -16.77 -1.01 -8.45
CA GLN A 49 -15.92 -0.53 -7.36
C GLN A 49 -15.45 0.91 -7.51
N LEU A 50 -15.44 1.48 -8.71
CA LEU A 50 -14.80 2.78 -8.90
C LEU A 50 -15.56 3.90 -8.23
N ARG A 51 -16.89 3.76 -8.07
CA ARG A 51 -17.66 4.81 -7.42
C ARG A 51 -17.25 4.98 -5.96
N ASP A 52 -17.18 3.86 -5.23
CA ASP A 52 -16.84 3.94 -3.81
C ASP A 52 -15.37 4.29 -3.60
N GLU A 53 -14.51 4.00 -4.58
CA GLU A 53 -13.11 4.41 -4.48
C GLU A 53 -12.98 5.92 -4.60
N TYR A 54 -13.80 6.54 -5.47
CA TYR A 54 -13.83 7.99 -5.56
C TYR A 54 -14.25 8.61 -4.24
N ARG A 55 -15.22 8.01 -3.55
CA ARG A 55 -15.66 8.55 -2.26
C ARG A 55 -14.65 8.30 -1.16
N THR A 56 -13.78 7.30 -1.32
CA THR A 56 -12.73 7.07 -0.33
C THR A 56 -11.68 8.18 -0.41
N TYR A 57 -11.28 8.56 -1.61
CA TYR A 57 -10.33 9.66 -1.76
C TYR A 57 -10.92 10.97 -1.24
N LYS A 58 -12.20 11.21 -1.53
CA LYS A 58 -12.87 12.41 -1.00
C LYS A 58 -12.94 12.37 0.52
N HIS A 59 -13.15 11.18 1.08
CA HIS A 59 -13.19 11.03 2.54
C HIS A 59 -11.82 11.30 3.15
N LEU A 60 -10.76 10.82 2.50
CA LEU A 60 -9.39 11.01 2.97
C LEU A 60 -8.76 12.28 2.40
N GLN A 61 -9.56 13.19 1.85
CA GLN A 61 -9.01 14.39 1.24
C GLN A 61 -8.39 15.30 2.31
N GLY A 62 -7.22 15.83 2.00
CA GLY A 62 -6.46 16.61 2.95
C GLY A 62 -5.37 15.85 3.68
N CYS A 63 -5.38 14.52 3.59
CA CYS A 63 -4.35 13.72 4.23
C CYS A 63 -3.07 13.75 3.40
N ASP A 64 -1.94 13.95 4.08
CA ASP A 64 -0.64 13.91 3.42
C ASP A 64 -0.34 12.49 2.95
N GLY A 65 -0.20 12.32 1.63
CA GLY A 65 0.07 11.03 1.04
C GLY A 65 -1.09 10.44 0.28
N ILE A 66 -2.30 10.95 0.45
CA ILE A 66 -3.47 10.50 -0.30
C ILE A 66 -3.66 11.45 -1.48
N PRO A 67 -3.66 10.96 -2.72
CA PRO A 67 -3.83 11.86 -3.85
C PRO A 67 -5.22 12.46 -3.88
N ASN A 68 -5.31 13.66 -4.46
CA ASN A 68 -6.60 14.33 -4.60
C ASN A 68 -7.41 13.67 -5.70
N ALA A 69 -8.71 13.54 -5.46
CA ALA A 69 -9.66 13.09 -6.48
C ALA A 69 -10.32 14.32 -7.09
N TYR A 70 -10.27 14.41 -8.42
CA TYR A 70 -10.75 15.59 -9.12
C TYR A 70 -12.05 15.37 -9.87
N TYR A 71 -12.29 14.18 -10.41
CA TYR A 71 -13.47 13.95 -11.23
C TYR A 71 -13.90 12.50 -11.16
N PHE A 72 -15.21 12.27 -11.17
CA PHE A 72 -15.78 10.95 -11.35
C PHE A 72 -17.10 11.08 -12.07
N GLY A 73 -17.30 10.26 -13.10
CA GLY A 73 -18.53 10.29 -13.86
C GLY A 73 -18.56 9.18 -14.89
N GLN A 74 -19.64 9.18 -15.67
CA GLN A 74 -19.85 8.19 -16.73
C GLN A 74 -19.62 8.85 -18.08
N GLU A 75 -18.80 8.20 -18.90
CA GLU A 75 -18.55 8.66 -20.28
C GLU A 75 -18.56 7.43 -21.17
N GLY A 76 -19.62 7.28 -21.97
CA GLY A 76 -19.77 6.07 -22.75
C GLY A 76 -20.14 4.90 -21.85
N LEU A 77 -19.48 3.76 -22.10
CA LEU A 77 -19.65 2.57 -21.27
C LEU A 77 -18.53 2.40 -20.25
N HIS A 78 -18.00 3.51 -19.74
CA HIS A 78 -16.87 3.48 -18.81
C HIS A 78 -17.09 4.46 -17.67
N ASN A 79 -16.78 4.01 -16.45
CA ASN A 79 -16.64 4.90 -15.31
C ASN A 79 -15.21 5.41 -15.25
N ILE A 80 -15.06 6.69 -14.91
CA ILE A 80 -13.77 7.37 -14.98
C ILE A 80 -13.48 8.01 -13.63
N LEU A 81 -12.29 7.76 -13.10
CA LEU A 81 -11.80 8.42 -11.89
C LEU A 81 -10.48 9.10 -12.21
N VAL A 82 -10.39 10.38 -11.86
CA VAL A 82 -9.20 11.18 -12.12
C VAL A 82 -8.60 11.58 -10.77
N ILE A 83 -7.34 11.21 -10.55
CA ILE A 83 -6.61 11.59 -9.36
C ILE A 83 -5.25 12.13 -9.76
N ASP A 84 -4.47 12.56 -8.77
CA ASP A 84 -3.12 13.05 -9.02
C ASP A 84 -2.27 11.95 -9.63
N LEU A 85 -1.31 12.36 -10.45
CA LEU A 85 -0.32 11.44 -11.00
C LEU A 85 0.88 11.37 -10.07
N LEU A 86 1.36 10.15 -9.83
CA LEU A 86 2.45 9.91 -8.90
C LEU A 86 3.53 9.07 -9.59
N GLY A 87 4.63 8.86 -8.88
CA GLY A 87 5.77 8.16 -9.43
C GLY A 87 5.68 6.66 -9.27
N PRO A 88 6.83 5.99 -9.32
CA PRO A 88 6.84 4.52 -9.26
C PRO A 88 6.45 4.03 -7.87
N SER A 89 6.06 2.75 -7.83
CA SER A 89 5.74 2.11 -6.57
C SER A 89 7.02 1.68 -5.86
N LEU A 90 6.88 1.38 -4.56
CA LEU A 90 8.01 0.84 -3.81
C LEU A 90 8.42 -0.52 -4.34
N GLU A 91 7.51 -1.24 -4.99
CA GLU A 91 7.90 -2.48 -5.67
C GLU A 91 8.75 -2.18 -6.89
N ASP A 92 8.42 -1.11 -7.63
CA ASP A 92 9.23 -0.71 -8.77
C ASP A 92 10.64 -0.32 -8.33
N LEU A 93 10.73 0.58 -7.35
CA LEU A 93 12.03 0.99 -6.82
C LEU A 93 12.76 -0.18 -6.19
N PHE A 94 12.02 -1.13 -5.63
CA PHE A 94 12.63 -2.35 -5.10
C PHE A 94 13.37 -3.10 -6.19
N ASP A 95 12.69 -3.37 -7.31
CA ASP A 95 13.33 -4.06 -8.43
C ASP A 95 14.56 -3.30 -8.92
N TRP A 96 14.47 -1.97 -8.97
CA TRP A 96 15.56 -1.17 -9.52
C TRP A 96 16.77 -1.09 -8.59
N CYS A 97 16.57 -1.34 -7.29
CA CYS A 97 17.67 -1.34 -6.33
C CYS A 97 18.23 -2.73 -6.07
N GLY A 98 17.97 -3.68 -6.97
CA GLY A 98 18.46 -5.02 -6.80
C GLY A 98 17.60 -5.91 -5.92
N ARG A 99 16.35 -5.53 -5.69
CA ARG A 99 15.41 -6.28 -4.86
C ARG A 99 15.95 -6.46 -3.44
N ARG A 100 16.45 -5.36 -2.88
CA ARG A 100 16.86 -5.30 -1.48
C ARG A 100 17.03 -3.86 -1.04
N PHE A 101 16.32 -3.44 -0.01
CA PHE A 101 16.43 -2.10 0.54
C PHE A 101 17.33 -2.11 1.77
N SER A 102 18.13 -1.06 1.92
CA SER A 102 18.98 -0.92 3.10
C SER A 102 18.12 -0.76 4.35
N VAL A 103 18.75 -0.96 5.51
CA VAL A 103 18.04 -0.82 6.77
C VAL A 103 17.52 0.60 6.95
N LYS A 104 18.35 1.60 6.61
CA LYS A 104 17.94 2.99 6.74
C LYS A 104 16.75 3.31 5.84
N THR A 105 16.77 2.81 4.60
CA THR A 105 15.65 3.05 3.70
C THR A 105 14.38 2.35 4.20
N VAL A 106 14.51 1.12 4.70
CA VAL A 106 13.34 0.40 5.20
C VAL A 106 12.73 1.12 6.39
N VAL A 107 13.56 1.64 7.29
CA VAL A 107 13.06 2.31 8.49
C VAL A 107 12.30 3.57 8.11
N GLN A 108 12.91 4.42 7.28
CA GLN A 108 12.28 5.68 6.90
C GLN A 108 11.01 5.44 6.09
N VAL A 109 11.04 4.45 5.19
CA VAL A 109 9.85 4.11 4.43
C VAL A 109 8.78 3.54 5.35
N ALA A 110 9.19 2.84 6.41
CA ALA A 110 8.23 2.18 7.29
C ALA A 110 7.46 3.20 8.12
N ILE A 111 8.14 4.22 8.65
CA ILE A 111 7.45 5.18 9.50
C ILE A 111 6.48 6.04 8.69
N GLN A 112 6.73 6.21 7.40
CA GLN A 112 5.78 6.90 6.55
C GLN A 112 4.59 6.01 6.20
N MET A 113 4.83 4.71 6.04
CA MET A 113 3.72 3.78 5.81
C MET A 113 2.84 3.64 7.04
N LEU A 114 3.44 3.60 8.23
CA LEU A 114 2.66 3.54 9.45
C LEU A 114 1.83 4.80 9.64
N THR A 115 2.37 5.95 9.23
CA THR A 115 1.60 7.19 9.31
C THR A 115 0.47 7.21 8.30
N LEU A 116 0.71 6.69 7.10
CA LEU A 116 -0.34 6.62 6.09
C LEU A 116 -1.46 5.68 6.53
N VAL A 117 -1.09 4.48 7.00
CA VAL A 117 -2.10 3.52 7.44
C VAL A 117 -2.84 4.04 8.65
N GLU A 118 -2.14 4.74 9.55
CA GLU A 118 -2.81 5.35 10.70
C GLU A 118 -3.86 6.35 10.25
N GLU A 119 -3.49 7.23 9.31
CA GLU A 119 -4.44 8.22 8.80
C GLU A 119 -5.64 7.55 8.17
N VAL A 120 -5.44 6.41 7.50
CA VAL A 120 -6.57 5.65 6.97
C VAL A 120 -7.46 5.17 8.11
N HIS A 121 -6.86 4.68 9.19
CA HIS A 121 -7.64 4.22 10.33
C HIS A 121 -8.34 5.37 11.05
N ARG A 122 -7.75 6.57 11.00
CA ARG A 122 -8.36 7.72 11.65
C ARG A 122 -9.73 8.03 11.07
N HIS A 123 -9.88 7.85 9.76
CA HIS A 123 -11.14 8.12 9.07
C HIS A 123 -12.07 6.91 9.04
N ASP A 124 -11.79 5.90 9.87
CA ASP A 124 -12.66 4.74 10.07
C ASP A 124 -12.59 3.75 8.91
N LEU A 125 -11.42 3.63 8.29
CA LEU A 125 -11.20 2.70 7.21
C LEU A 125 -10.03 1.77 7.56
N ILE A 126 -10.13 0.54 7.08
CA ILE A 126 -9.00 -0.38 7.04
C ILE A 126 -8.67 -0.67 5.58
N TYR A 127 -7.37 -0.74 5.29
CA TYR A 127 -6.93 -0.83 3.89
C TYR A 127 -7.14 -2.24 3.34
N ARG A 128 -6.68 -3.26 4.07
CA ARG A 128 -6.90 -4.68 3.78
C ARG A 128 -6.23 -5.17 2.50
N ASP A 129 -5.37 -4.36 1.88
CA ASP A 129 -4.66 -4.78 0.68
C ASP A 129 -3.23 -4.25 0.69
N ILE A 130 -2.60 -4.30 1.87
CA ILE A 130 -1.25 -3.76 2.02
C ILE A 130 -0.29 -4.52 1.14
N LYS A 131 0.42 -3.79 0.28
CA LYS A 131 1.41 -4.37 -0.62
C LYS A 131 2.31 -3.24 -1.11
N PRO A 132 3.58 -3.53 -1.41
CA PRO A 132 4.47 -2.46 -1.89
C PRO A 132 4.07 -1.88 -3.22
N ASP A 133 3.25 -2.61 -4.00
CA ASP A 133 2.81 -2.15 -5.31
C ASP A 133 1.89 -0.94 -5.23
N ASN A 134 1.22 -0.73 -4.10
CA ASN A 134 0.25 0.34 -3.92
C ASN A 134 0.82 1.53 -3.16
N PHE A 135 2.08 1.48 -2.73
CA PHE A 135 2.74 2.61 -2.11
C PHE A 135 3.64 3.27 -3.15
N LEU A 136 3.30 4.50 -3.53
CA LEU A 136 3.97 5.21 -4.61
C LEU A 136 4.70 6.42 -4.07
N ILE A 137 5.81 6.77 -4.71
CA ILE A 137 6.50 8.02 -4.40
C ILE A 137 5.93 9.11 -5.28
N GLY A 138 6.44 10.33 -5.13
CA GLY A 138 5.99 11.45 -5.93
C GLY A 138 6.68 11.50 -7.29
N ARG A 139 6.49 12.61 -7.97
CA ARG A 139 7.11 12.84 -9.26
C ARG A 139 8.38 13.68 -9.09
N ARG A 140 9.25 13.60 -10.09
CA ARG A 140 10.53 14.28 -10.02
C ARG A 140 10.35 15.78 -9.89
N GLY A 141 11.28 16.43 -9.19
CA GLY A 141 11.25 17.86 -8.98
C GLY A 141 10.16 18.38 -8.06
N ALA A 142 9.26 17.52 -7.60
CA ALA A 142 8.19 17.95 -6.72
C ALA A 142 8.68 18.01 -5.27
N THR A 143 7.90 18.71 -4.43
CA THR A 143 8.27 18.82 -3.02
C THR A 143 8.15 17.47 -2.32
N ASP A 144 7.15 16.67 -2.68
CA ASP A 144 6.95 15.33 -2.15
C ASP A 144 7.49 14.26 -3.09
N GLU A 145 8.66 14.51 -3.68
CA GLU A 145 9.19 13.60 -4.70
C GLU A 145 9.51 12.24 -4.12
N ASN A 146 10.09 12.20 -2.92
CA ASN A 146 10.50 10.95 -2.29
C ASN A 146 9.64 10.58 -1.10
N ASN A 147 8.52 11.25 -0.90
CA ASN A 147 7.58 10.87 0.14
C ASN A 147 6.68 9.74 -0.35
N VAL A 148 6.21 8.93 0.61
CA VAL A 148 5.40 7.76 0.29
C VAL A 148 3.94 8.16 0.23
N HIS A 149 3.22 7.60 -0.74
CA HIS A 149 1.80 7.84 -0.93
C HIS A 149 1.07 6.50 -0.94
N LEU A 150 -0.25 6.55 -0.76
CA LEU A 150 -1.07 5.36 -0.76
C LEU A 150 -2.24 5.56 -1.73
N ILE A 151 -2.44 4.60 -2.62
CA ILE A 151 -3.48 4.65 -3.64
C ILE A 151 -4.21 3.31 -3.65
N ASP A 152 -5.22 3.21 -4.52
CA ASP A 152 -6.01 2.00 -4.72
C ASP A 152 -6.72 1.58 -3.44
N PHE A 153 -7.94 2.05 -3.24
CA PHE A 153 -8.74 1.69 -2.07
C PHE A 153 -9.94 0.84 -2.43
N GLY A 154 -9.78 -0.06 -3.42
CA GLY A 154 -10.86 -0.96 -3.78
C GLY A 154 -11.15 -2.01 -2.74
N MET A 155 -10.22 -2.25 -1.81
CA MET A 155 -10.40 -3.18 -0.72
C MET A 155 -10.68 -2.48 0.61
N ALA A 156 -10.77 -1.15 0.60
CA ALA A 156 -11.01 -0.41 1.84
C ALA A 156 -12.38 -0.75 2.41
N LYS A 157 -12.45 -0.88 3.73
CA LYS A 157 -13.67 -1.26 4.42
C LYS A 157 -13.81 -0.44 5.69
N GLN A 158 -15.05 -0.07 6.01
CA GLN A 158 -15.33 0.63 7.25
C GLN A 158 -15.29 -0.34 8.41
N TYR A 159 -14.37 -0.11 9.36
CA TYR A 159 -14.21 -1.01 10.50
C TYR A 159 -14.86 -0.49 11.77
N ARG A 160 -15.39 0.74 11.77
CA ARG A 160 -16.07 1.28 12.93
C ARG A 160 -17.01 2.38 12.48
N ASP A 161 -18.08 2.57 13.25
CA ASP A 161 -19.06 3.59 12.90
C ASP A 161 -18.43 4.98 13.04
N PRO A 162 -18.67 5.88 12.08
CA PRO A 162 -18.03 7.21 12.16
C PRO A 162 -18.54 8.08 13.29
N ARG A 163 -19.73 7.81 13.82
CA ARG A 163 -20.32 8.65 14.87
C ARG A 163 -20.02 8.13 16.27
N THR A 164 -20.36 6.88 16.55
CA THR A 164 -20.21 6.31 17.88
C THR A 164 -18.89 5.59 18.09
N LYS A 165 -18.13 5.32 17.01
CA LYS A 165 -16.86 4.59 17.08
C LYS A 165 -17.06 3.20 17.67
N GLN A 166 -18.10 2.51 17.17
CA GLN A 166 -18.39 1.14 17.56
C GLN A 166 -17.72 0.21 16.57
N HIS A 167 -16.74 -0.57 17.03
CA HIS A 167 -16.01 -1.47 16.16
C HIS A 167 -16.95 -2.50 15.54
N ILE A 168 -16.59 -2.92 14.33
CA ILE A 168 -17.34 -3.95 13.61
C ILE A 168 -17.27 -5.26 14.37
N PRO A 169 -18.33 -6.07 14.38
CA PRO A 169 -18.29 -7.32 15.11
C PRO A 169 -17.26 -8.28 14.52
N TYR A 170 -16.69 -9.10 15.40
CA TYR A 170 -15.74 -10.13 14.97
C TYR A 170 -16.50 -11.33 14.43
N ARG A 171 -16.13 -11.77 13.23
CA ARG A 171 -16.69 -12.97 12.63
C ARG A 171 -15.56 -13.75 11.97
N GLU A 172 -15.89 -14.93 11.45
CA GLU A 172 -14.92 -15.80 10.80
C GLU A 172 -15.55 -16.36 9.52
N LYS A 173 -14.87 -17.34 8.94
CA LYS A 173 -15.32 -18.01 7.71
C LYS A 173 -15.55 -17.00 6.59
N LYS A 174 -14.57 -16.13 6.38
CA LYS A 174 -14.61 -15.16 5.30
C LYS A 174 -13.76 -15.62 4.13
N SER A 175 -14.14 -15.21 2.93
CA SER A 175 -13.36 -15.53 1.74
C SER A 175 -12.01 -14.81 1.77
N LEU A 176 -10.95 -15.54 1.48
CA LEU A 176 -9.60 -14.98 1.49
C LEU A 176 -9.45 -13.95 0.39
N SER A 177 -9.41 -12.67 0.75
CA SER A 177 -9.25 -11.58 -0.20
C SER A 177 -7.95 -10.87 0.10
N GLY A 178 -7.09 -10.74 -0.90
CA GLY A 178 -5.78 -10.15 -0.75
C GLY A 178 -4.69 -11.01 -1.36
N THR A 179 -3.50 -10.43 -1.40
CA THR A 179 -2.32 -11.12 -1.90
C THR A 179 -1.69 -11.91 -0.76
N ALA A 180 -1.50 -13.21 -1.00
CA ALA A 180 -1.11 -14.15 0.05
C ALA A 180 0.30 -13.90 0.58
N ARG A 181 1.13 -13.14 -0.13
CA ARG A 181 2.51 -12.96 0.31
C ARG A 181 2.60 -12.04 1.52
N TYR A 182 1.65 -11.12 1.67
CA TYR A 182 1.72 -10.13 2.74
C TYR A 182 0.56 -10.17 3.72
N MET A 183 -0.54 -10.86 3.40
CA MET A 183 -1.72 -10.83 4.26
C MET A 183 -1.40 -11.44 5.62
N SER A 184 -2.13 -10.98 6.63
CA SER A 184 -1.87 -11.40 8.00
C SER A 184 -2.27 -12.86 8.20
N ILE A 185 -1.81 -13.44 9.31
CA ILE A 185 -2.19 -14.80 9.66
C ILE A 185 -3.70 -14.90 9.86
N ASN A 186 -4.29 -13.87 10.48
CA ASN A 186 -5.73 -13.88 10.71
C ASN A 186 -6.51 -13.91 9.40
N THR A 187 -5.96 -13.32 8.34
CA THR A 187 -6.64 -13.36 7.05
C THR A 187 -6.57 -14.75 6.42
N HIS A 188 -5.45 -15.45 6.61
CA HIS A 188 -5.37 -16.83 6.13
C HIS A 188 -6.41 -17.72 6.79
N LEU A 189 -6.74 -17.45 8.04
CA LEU A 189 -7.71 -18.23 8.80
C LEU A 189 -9.15 -17.78 8.57
N GLY A 190 -9.37 -16.86 7.63
CA GLY A 190 -10.72 -16.41 7.33
C GLY A 190 -11.34 -15.52 8.38
N ARG A 191 -10.53 -14.90 9.24
CA ARG A 191 -11.06 -14.03 10.28
C ARG A 191 -11.30 -12.63 9.74
N GLU A 192 -12.25 -11.93 10.37
CA GLU A 192 -12.51 -10.54 10.01
C GLU A 192 -11.27 -9.69 10.26
N GLN A 193 -10.93 -8.86 9.29
CA GLN A 193 -9.75 -8.02 9.39
C GLN A 193 -10.07 -6.71 10.11
N SER A 194 -9.07 -6.18 10.79
CA SER A 194 -9.20 -4.94 11.55
C SER A 194 -7.90 -4.16 11.41
N ARG A 195 -7.69 -3.21 12.33
CA ARG A 195 -6.49 -2.36 12.26
C ARG A 195 -5.22 -3.18 12.44
N ARG A 196 -5.26 -4.21 13.28
CA ARG A 196 -4.07 -5.00 13.55
C ARG A 196 -3.58 -5.73 12.30
N ASP A 197 -4.47 -6.04 11.37
CA ASP A 197 -4.08 -6.82 10.20
C ASP A 197 -3.42 -5.94 9.13
N ASP A 198 -3.73 -4.65 9.09
CA ASP A 198 -2.99 -3.75 8.21
C ASP A 198 -1.55 -3.59 8.67
N LEU A 199 -1.31 -3.68 9.97
CA LEU A 199 0.04 -3.49 10.50
C LEU A 199 0.87 -4.77 10.42
N GLU A 200 0.24 -5.93 10.60
CA GLU A 200 0.98 -7.18 10.41
C GLU A 200 1.39 -7.35 8.95
N ALA A 201 0.53 -6.92 8.03
CA ALA A 201 0.90 -6.95 6.62
C ALA A 201 2.07 -6.01 6.33
N LEU A 202 2.10 -4.86 7.01
CA LEU A 202 3.23 -3.96 6.88
C LEU A 202 4.51 -4.61 7.39
N GLY A 203 4.42 -5.34 8.52
CA GLY A 203 5.58 -6.04 9.02
C GLY A 203 6.12 -7.08 8.06
N HIS A 204 5.23 -7.75 7.32
CA HIS A 204 5.67 -8.68 6.29
C HIS A 204 6.38 -7.95 5.17
N VAL A 205 5.91 -6.75 4.82
CA VAL A 205 6.56 -5.96 3.77
C VAL A 205 7.93 -5.49 4.23
N PHE A 206 8.07 -5.19 5.53
CA PHE A 206 9.36 -4.72 6.04
C PHE A 206 10.41 -5.81 5.94
N PHE A 207 10.09 -7.02 6.36
CA PHE A 207 11.00 -8.15 6.18
C PHE A 207 11.22 -8.46 4.71
N TYR A 208 10.19 -8.28 3.89
CA TYR A 208 10.34 -8.45 2.44
C TYR A 208 11.38 -7.48 1.87
N PHE A 209 11.34 -6.23 2.33
CA PHE A 209 12.33 -5.25 1.88
C PHE A 209 13.72 -5.57 2.41
N LEU A 210 13.80 -6.00 3.67
CA LEU A 210 15.11 -6.19 4.31
C LEU A 210 15.83 -7.42 3.78
N ARG A 211 15.10 -8.54 3.62
CA ARG A 211 15.70 -9.79 3.20
C ARG A 211 15.78 -9.93 1.69
N GLY A 212 14.90 -9.28 0.95
CA GLY A 212 14.76 -9.51 -0.46
C GLY A 212 13.72 -10.56 -0.83
N GLN A 213 13.37 -11.43 0.11
CA GLN A 213 12.32 -12.41 -0.11
C GLN A 213 11.77 -12.85 1.24
N LEU A 214 10.61 -13.51 1.19
CA LEU A 214 10.01 -14.12 2.36
C LEU A 214 10.06 -15.64 2.24
N PRO A 215 10.22 -16.36 3.35
CA PRO A 215 10.38 -17.82 3.27
C PRO A 215 9.13 -18.54 2.80
N TRP A 216 7.99 -17.86 2.66
CA TRP A 216 6.77 -18.47 2.14
C TRP A 216 6.51 -18.10 0.69
N GLN A 217 7.53 -17.63 -0.03
CA GLN A 217 7.40 -17.38 -1.46
C GLN A 217 7.81 -18.61 -2.25
N GLY A 218 7.29 -18.69 -3.48
CA GLY A 218 7.60 -19.82 -4.33
C GLY A 218 7.08 -21.15 -3.84
N LEU A 219 6.07 -21.14 -2.98
CA LEU A 219 5.49 -22.38 -2.47
C LEU A 219 4.50 -22.94 -3.49
N LYS A 220 4.60 -24.24 -3.74
CA LYS A 220 3.78 -24.91 -4.74
C LYS A 220 2.63 -25.65 -4.08
N ALA A 221 1.55 -25.82 -4.85
CA ALA A 221 0.37 -26.54 -4.40
C ALA A 221 -0.51 -26.85 -5.61
N PRO A 222 -1.32 -27.92 -5.56
CA PRO A 222 -2.16 -28.23 -6.74
C PRO A 222 -3.20 -27.17 -7.03
N THR A 223 -3.77 -26.55 -6.00
CA THR A 223 -4.77 -25.51 -6.17
C THR A 223 -4.26 -24.21 -5.55
N ASN A 224 -5.05 -23.15 -5.72
CA ASN A 224 -4.71 -21.88 -5.10
C ASN A 224 -5.16 -21.82 -3.64
N LYS A 225 -6.24 -22.52 -3.29
CA LYS A 225 -6.68 -22.51 -1.90
C LYS A 225 -5.67 -23.23 -1.01
N GLN A 226 -5.12 -24.35 -1.47
CA GLN A 226 -4.08 -25.04 -0.72
C GLN A 226 -2.76 -24.30 -0.75
N LYS A 227 -2.53 -23.47 -1.76
CA LYS A 227 -1.31 -22.66 -1.79
C LYS A 227 -1.38 -21.55 -0.75
N TYR A 228 -2.53 -20.89 -0.62
CA TYR A 228 -2.70 -19.93 0.46
C TYR A 228 -2.59 -20.60 1.83
N GLU A 229 -2.98 -21.87 1.92
CA GLU A 229 -2.85 -22.59 3.17
C GLU A 229 -1.38 -22.86 3.52
N LYS A 230 -0.60 -23.31 2.54
CA LYS A 230 0.82 -23.55 2.78
C LYS A 230 1.53 -22.28 3.21
N ILE A 231 1.19 -21.15 2.59
CA ILE A 231 1.83 -19.89 2.94
C ILE A 231 1.47 -19.50 4.38
N GLY A 232 0.21 -19.63 4.74
CA GLY A 232 -0.19 -19.31 6.11
C GLY A 232 0.41 -20.24 7.14
N ASP A 233 0.64 -21.50 6.76
CA ASP A 233 1.26 -22.45 7.69
C ASP A 233 2.72 -22.11 7.93
N LYS A 234 3.43 -21.67 6.89
CA LYS A 234 4.82 -21.25 7.07
C LYS A 234 4.91 -20.01 7.95
N LYS A 235 3.89 -19.15 7.91
CA LYS A 235 3.94 -17.91 8.68
C LYS A 235 3.85 -18.16 10.18
N ARG A 236 2.97 -19.09 10.59
CA ARG A 236 2.90 -19.46 12.00
C ARG A 236 4.10 -20.26 12.45
N THR A 237 4.65 -21.10 11.57
CA THR A 237 5.79 -21.92 11.93
C THR A 237 7.05 -21.08 12.11
N THR A 238 7.18 -20.00 11.33
CA THR A 238 8.38 -19.17 11.36
C THR A 238 8.23 -18.10 12.44
N PRO A 239 8.99 -18.15 13.52
CA PRO A 239 8.94 -17.06 14.51
C PRO A 239 9.57 -15.79 13.95
N ALA A 240 9.21 -14.66 14.58
CA ALA A 240 9.72 -13.38 14.12
C ALA A 240 11.23 -13.28 14.26
N VAL A 241 11.80 -13.96 15.26
CA VAL A 241 13.24 -13.96 15.43
C VAL A 241 13.93 -14.69 14.27
N THR A 242 13.30 -15.73 13.74
CA THR A 242 13.85 -16.41 12.57
C THR A 242 13.80 -15.52 11.33
N LEU A 243 12.69 -14.81 11.13
CA LEU A 243 12.61 -13.85 10.03
C LEU A 243 13.67 -12.75 10.17
N CYS A 244 14.00 -12.38 11.39
CA CYS A 244 14.87 -11.26 11.67
C CYS A 244 16.34 -11.67 11.81
N ASP A 245 16.71 -12.84 11.30
CA ASP A 245 18.08 -13.31 11.42
C ASP A 245 19.02 -12.38 10.66
N GLY A 246 19.97 -11.79 11.39
CA GLY A 246 20.91 -10.85 10.81
C GLY A 246 20.39 -9.43 10.69
N LEU A 247 19.15 -9.18 11.07
CA LEU A 247 18.51 -7.88 10.96
C LEU A 247 18.34 -7.24 12.33
N PRO A 248 18.12 -5.92 12.38
CA PRO A 248 17.85 -5.27 13.68
C PRO A 248 16.59 -5.85 14.32
N GLN A 249 16.73 -6.27 15.58
CA GLN A 249 15.69 -7.04 16.26
C GLN A 249 14.40 -6.25 16.48
N GLN A 250 14.42 -4.93 16.26
CA GLN A 250 13.21 -4.14 16.41
C GLN A 250 12.15 -4.52 15.38
N PHE A 251 12.55 -5.09 14.23
CA PHE A 251 11.56 -5.50 13.23
C PHE A 251 10.85 -6.77 13.66
N ALA A 252 11.54 -7.69 14.32
CA ALA A 252 10.88 -8.86 14.88
C ALA A 252 9.99 -8.47 16.05
N GLU A 253 10.45 -7.56 16.90
CA GLU A 253 9.64 -7.06 17.99
C GLU A 253 8.38 -6.36 17.48
N TYR A 254 8.48 -5.69 16.32
CA TYR A 254 7.30 -5.06 15.74
C TYR A 254 6.30 -6.11 15.29
N LEU A 255 6.76 -7.12 14.54
CA LEU A 255 5.85 -8.12 13.99
C LEU A 255 5.16 -8.91 15.10
N ASP A 256 5.92 -9.28 16.14
CA ASP A 256 5.32 -10.00 17.26
C ASP A 256 4.32 -9.13 18.01
N SER A 257 4.60 -7.83 18.12
CA SER A 257 3.71 -6.94 18.85
C SER A 257 2.37 -6.78 18.14
N VAL A 258 2.40 -6.51 16.83
CA VAL A 258 1.16 -6.31 16.09
C VAL A 258 0.39 -7.61 15.93
N ARG A 259 1.06 -8.76 16.03
CA ARG A 259 0.37 -10.03 16.00
C ARG A 259 -0.35 -10.34 17.31
N SER A 260 0.01 -9.65 18.39
CA SER A 260 -0.60 -9.86 19.70
C SER A 260 -1.70 -8.85 20.01
N LEU A 261 -2.01 -7.96 19.08
CA LEU A 261 -3.03 -6.94 19.35
C LEU A 261 -4.41 -7.58 19.37
N PRO A 262 -5.28 -7.17 20.31
CA PRO A 262 -6.67 -7.61 20.28
C PRO A 262 -7.37 -7.14 19.01
N PHE A 263 -8.52 -7.76 18.74
CA PHE A 263 -9.21 -7.51 17.46
C PHE A 263 -9.64 -6.05 17.32
N ASP A 264 -10.19 -5.48 18.39
CA ASP A 264 -10.74 -4.13 18.35
C ASP A 264 -9.83 -3.07 18.96
N ALA A 265 -8.61 -3.44 19.32
CA ALA A 265 -7.71 -2.52 20.01
C ALA A 265 -7.13 -1.48 19.05
N GLU A 266 -6.88 -0.28 19.58
CA GLU A 266 -6.21 0.76 18.82
C GLU A 266 -4.72 0.57 18.91
N PRO A 267 -4.01 0.35 17.81
CA PRO A 267 -2.59 0.04 17.90
C PRO A 267 -1.79 1.27 18.30
N PRO A 268 -0.67 1.09 18.99
CA PRO A 268 0.20 2.24 19.30
C PRO A 268 1.08 2.62 18.11
N TYR A 269 0.56 3.45 17.21
CA TYR A 269 1.29 3.79 15.99
C TYR A 269 2.59 4.52 16.32
N GLU A 270 2.52 5.50 17.21
CA GLU A 270 3.71 6.30 17.53
C GLU A 270 4.76 5.45 18.25
N GLU A 271 4.30 4.52 19.09
CA GLU A 271 5.23 3.60 19.74
C GLU A 271 5.93 2.69 18.73
N TYR A 272 5.22 2.32 17.66
CA TYR A 272 5.84 1.51 16.61
C TYR A 272 6.86 2.31 15.80
N ARG A 273 6.52 3.56 15.48
CA ARG A 273 7.46 4.41 14.74
C ARG A 273 8.71 4.69 15.56
N MET A 274 8.54 4.92 16.87
CA MET A 274 9.69 5.09 17.75
C MET A 274 10.49 3.81 17.87
N LEU A 275 9.84 2.66 17.77
CA LEU A 275 10.55 1.38 17.81
C LEU A 275 11.44 1.21 16.57
N LEU A 276 10.91 1.52 15.40
CA LEU A 276 11.70 1.40 14.19
C LEU A 276 12.75 2.51 14.09
N LEU A 277 12.48 3.67 14.70
CA LEU A 277 13.44 4.76 14.68
C LEU A 277 14.67 4.45 15.53
N SER A 278 14.51 3.68 16.60
CA SER A 278 15.65 3.33 17.44
C SER A 278 16.65 2.45 16.71
N VAL A 279 16.25 1.85 15.58
CA VAL A 279 17.19 1.11 14.76
C VAL A 279 18.29 2.04 14.25
N LEU A 280 17.90 3.24 13.81
CA LEU A 280 18.88 4.19 13.28
C LEU A 280 19.83 4.69 14.38
N ASP A 281 19.33 4.82 15.62
CA ASP A 281 20.22 5.22 16.71
C ASP A 281 21.18 4.10 17.08
N ASP A 282 20.73 2.84 16.98
CA ASP A 282 21.62 1.72 17.28
C ASP A 282 22.72 1.58 16.24
N LEU A 283 22.46 2.01 15.00
CA LEU A 283 23.41 1.90 13.91
C LEU A 283 24.12 3.20 13.58
N GLY A 284 23.86 4.26 14.33
CA GLY A 284 24.55 5.52 14.08
C GLY A 284 24.17 6.17 12.77
N GLN A 285 22.89 6.14 12.42
CA GLN A 285 22.38 6.70 11.18
C GLN A 285 21.35 7.77 11.49
N ALA A 286 21.22 8.73 10.58
CA ALA A 286 20.27 9.82 10.70
C ALA A 286 19.05 9.57 9.82
N CYS A 287 17.91 10.09 10.25
CA CYS A 287 16.67 10.00 9.47
C CYS A 287 16.53 11.27 8.63
N ASP A 288 17.41 11.38 7.64
CA ASP A 288 17.52 12.58 6.82
C ASP A 288 16.72 12.51 5.53
N GLY A 289 16.00 11.41 5.29
CA GLY A 289 15.22 11.26 4.07
C GLY A 289 15.98 10.77 2.86
N ASP A 290 17.21 10.32 3.03
CA ASP A 290 18.00 9.80 1.91
C ASP A 290 17.61 8.34 1.67
N MET A 291 17.20 8.04 0.43
CA MET A 291 16.73 6.71 0.07
C MET A 291 17.67 6.08 -0.94
N ASP A 292 17.53 4.76 -1.10
CA ASP A 292 18.44 4.01 -1.97
C ASP A 292 18.20 4.36 -3.45
N TRP A 293 16.94 4.48 -3.85
CA TRP A 293 16.64 4.79 -5.25
C TRP A 293 17.14 6.17 -5.65
N MET A 294 17.44 7.04 -4.68
CA MET A 294 17.98 8.35 -4.98
C MET A 294 19.42 8.30 -5.48
N HIS A 295 20.08 7.15 -5.39
CA HIS A 295 21.45 6.98 -5.89
C HIS A 295 21.51 6.23 -7.21
N LEU A 296 20.37 5.88 -7.78
CA LEU A 296 20.35 5.14 -9.04
C LEU A 296 20.91 5.99 -10.18
N ASN A 297 21.53 5.32 -11.14
CA ASN A 297 22.01 5.95 -12.38
C ASN A 297 22.98 7.10 -12.08
N GLY A 298 23.82 6.92 -11.06
CA GLY A 298 24.85 7.88 -10.75
C GLY A 298 24.40 9.01 -9.85
N GLY A 299 23.70 8.69 -8.77
CA GLY A 299 23.15 9.71 -7.89
C GLY A 299 22.17 10.59 -8.61
N ARG A 300 21.19 9.96 -9.26
CA ARG A 300 20.34 10.64 -10.23
C ARG A 300 18.88 10.27 -10.07
N GLY A 301 18.62 9.01 -9.74
CA GLY A 301 17.27 8.48 -9.65
C GLY A 301 16.98 7.53 -10.80
N TRP A 302 15.75 7.02 -10.78
CA TRP A 302 15.28 6.08 -11.79
C TRP A 302 15.19 6.77 -13.16
N ASP A 303 15.00 5.95 -14.19
CA ASP A 303 14.90 6.47 -15.56
C ASP A 303 14.40 5.37 -16.48
N ALA A 304 13.68 5.78 -17.52
CA ALA A 304 13.32 4.94 -18.67
C ALA A 304 12.46 3.75 -18.29
N THR A 305 11.90 3.72 -17.08
CA THR A 305 11.03 2.63 -16.68
C THR A 305 9.99 3.10 -15.67
#